data_5CI8
#
_entry.id   5CI8
#
_cell.length_a   64.975
_cell.length_b   64.975
_cell.length_c   163.677
_cell.angle_alpha   90.00
_cell.angle_beta   90.00
_cell.angle_gamma   120.00
#
_symmetry.space_group_name_H-M   'P 61 2 2'
#
loop_
_entity.id
_entity.type
_entity.pdbx_description
1 polymer 'Protein Tob1'
2 non-polymer pyrrolo[1,2-a]quinoxalin-4(5H)-one
#
_entity_poly.entity_id   1
_entity_poly.type   'polypeptide(L)'
_entity_poly.pdbx_seq_one_letter_code
;HHMQLEIQVALNFIISYLYNKLPRRRVNIFGEELERLLKKKYEGHWYPEKPYKGSGFRCIHIGEKVDPVIEQASKESGLD
IDDVRGNLPQDLSVWIDPFEVSYQIGEKGPVKVLYVDDNNENGCELDKEIKNSFNPEAQVFMPISDPASSVSSSPSPPFG
HSAAVSPTFMPRSTQPLTFTTATFAATKFGSTKMKNSGRSNKVARTSPINLGLNVNDLLKQKAISSSMHSLYGLGLGSQQ
QPQQQQQPAQPPPPPPPPQQQQQQKTSALSPNAKEFIFPNMQGQGSSTNGMFPGDSPLNLSPLQYSNAFDVFAAYGGLNE
KSFVDGLNFSLNNMQYSNQQFQPVMAN
;
_entity_poly.pdbx_strand_id   A
#
# COMPACT_ATOMS: atom_id res chain seq x y z
N HIS A 1 13.95 -8.91 0.82
CA HIS A 1 15.13 -9.04 1.66
C HIS A 1 15.03 -8.15 2.89
N HIS A 2 13.80 -7.97 3.39
CA HIS A 2 13.55 -7.05 4.50
C HIS A 2 12.07 -6.78 4.78
N MET A 3 11.82 -5.69 5.51
CA MET A 3 10.56 -4.97 5.39
C MET A 3 10.44 -4.45 3.96
N GLN A 4 11.61 -4.20 3.37
CA GLN A 4 11.77 -3.84 1.98
C GLN A 4 10.99 -4.78 1.07
N LEU A 5 11.27 -6.07 1.19
CA LEU A 5 10.63 -7.06 0.33
C LEU A 5 9.11 -6.96 0.45
N GLU A 6 8.67 -6.63 1.64
CA GLU A 6 7.24 -6.71 1.91
C GLU A 6 6.52 -5.50 1.38
N ILE A 7 7.19 -4.36 1.43
CA ILE A 7 6.67 -3.17 0.82
C ILE A 7 6.56 -3.39 -0.70
N GLN A 8 7.53 -4.10 -1.26
CA GLN A 8 7.46 -4.49 -2.67
C GLN A 8 6.19 -5.30 -2.92
N VAL A 9 5.91 -6.27 -2.06
CA VAL A 9 4.77 -7.14 -2.28
C VAL A 9 3.49 -6.34 -2.31
N ALA A 10 3.35 -5.41 -1.38
CA ALA A 10 2.13 -4.62 -1.25
C ALA A 10 2.01 -3.67 -2.45
N LEU A 11 3.14 -3.06 -2.80
CA LEU A 11 3.27 -2.16 -3.94
C LEU A 11 2.76 -2.81 -5.24
N ASN A 12 3.35 -3.96 -5.53
CA ASN A 12 3.02 -4.75 -6.72
C ASN A 12 1.52 -4.99 -6.80
N PHE A 13 0.96 -5.32 -5.65
CA PHE A 13 -0.46 -5.56 -5.53
C PHE A 13 -1.27 -4.32 -5.82
N ILE A 14 -0.93 -3.24 -5.16
CA ILE A 14 -1.69 -2.01 -5.29
C ILE A 14 -1.68 -1.47 -6.72
N ILE A 15 -0.50 -1.38 -7.32
CA ILE A 15 -0.38 -0.74 -8.64
C ILE A 15 -0.95 -1.67 -9.70
N SER A 16 -1.07 -2.94 -9.38
CA SER A 16 -1.62 -3.92 -10.33
C SER A 16 -3.02 -3.53 -10.79
N TYR A 17 -3.74 -2.84 -9.91
CA TYR A 17 -5.04 -2.32 -10.24
C TYR A 17 -4.91 -1.15 -11.21
N LEU A 18 -3.81 -0.43 -11.11
CA LEU A 18 -3.70 0.85 -11.79
C LEU A 18 -3.25 0.74 -13.25
N TYR A 19 -2.38 -0.21 -13.55
CA TYR A 19 -1.93 -0.39 -14.91
C TYR A 19 -3.13 -0.59 -15.82
N ASN A 20 -3.00 -0.18 -17.06
CA ASN A 20 -4.03 -0.44 -18.06
C ASN A 20 -5.34 0.33 -17.88
N LYS A 21 -5.40 1.22 -16.88
CA LYS A 21 -6.35 2.35 -16.92
C LYS A 21 -5.60 3.64 -16.65
N LEU A 22 -4.41 3.53 -16.08
CA LEU A 22 -3.55 4.68 -15.89
C LEU A 22 -2.26 4.48 -16.69
N PRO A 23 -1.65 5.59 -17.14
CA PRO A 23 -0.49 5.50 -18.04
C PRO A 23 0.66 4.74 -17.42
N ARG A 24 1.33 3.88 -18.19
CA ARG A 24 2.33 2.96 -17.66
C ARG A 24 3.46 3.63 -16.88
N ARG A 25 4.18 4.55 -17.50
CA ARG A 25 5.37 5.14 -16.89
C ARG A 25 5.06 5.97 -15.66
N ARG A 26 3.87 6.54 -15.61
CA ARG A 26 3.51 7.37 -14.47
C ARG A 26 2.99 6.46 -13.34
N VAL A 27 2.54 5.25 -13.68
CA VAL A 27 2.19 4.29 -12.63
C VAL A 27 3.47 3.78 -12.02
N ASN A 28 4.48 3.57 -12.86
CA ASN A 28 5.81 3.20 -12.37
C ASN A 28 6.34 4.25 -11.42
N ILE A 29 6.20 5.51 -11.82
CA ILE A 29 6.61 6.60 -10.93
C ILE A 29 5.77 6.55 -9.63
N PHE A 30 4.48 6.22 -9.75
CA PHE A 30 3.61 6.16 -8.58
C PHE A 30 4.11 5.10 -7.62
N GLY A 31 4.45 3.93 -8.16
CA GLY A 31 5.00 2.87 -7.34
C GLY A 31 6.27 3.28 -6.63
N GLU A 32 7.22 3.84 -7.39
CA GLU A 32 8.52 4.18 -6.85
C GLU A 32 8.42 5.18 -5.71
N GLU A 33 7.50 6.13 -5.83
CA GLU A 33 7.29 7.13 -4.78
C GLU A 33 6.57 6.52 -3.59
N LEU A 34 5.70 5.57 -3.86
CA LEU A 34 4.97 4.90 -2.81
C LEU A 34 5.97 4.13 -1.96
N GLU A 35 6.77 3.31 -2.63
CA GLU A 35 7.87 2.61 -1.98
C GLU A 35 8.71 3.49 -1.08
N ARG A 36 9.06 4.67 -1.57
CA ARG A 36 9.92 5.59 -0.81
C ARG A 36 9.20 6.13 0.42
N LEU A 37 7.91 6.35 0.31
CA LEU A 37 7.16 6.98 1.37
C LEU A 37 6.88 5.99 2.49
N LEU A 38 6.52 4.77 2.10
CA LEU A 38 6.36 3.69 3.07
C LEU A 38 7.65 3.49 3.86
N LYS A 39 8.76 3.27 3.18
CA LYS A 39 10.06 3.15 3.88
C LYS A 39 10.25 4.30 4.86
N LYS A 40 10.01 5.52 4.37
CA LYS A 40 10.28 6.71 5.15
C LYS A 40 9.33 6.75 6.33
N LYS A 41 8.12 6.25 6.14
CA LYS A 41 7.10 6.21 7.20
C LYS A 41 7.37 5.10 8.20
N TYR A 42 7.75 3.94 7.70
CA TYR A 42 7.87 2.74 8.53
C TYR A 42 9.18 2.72 9.31
N GLU A 43 10.08 3.63 8.97
CA GLU A 43 11.39 3.70 9.63
C GLU A 43 11.23 3.83 11.14
N GLY A 44 11.76 2.84 11.86
CA GLY A 44 11.70 2.84 13.31
C GLY A 44 10.38 2.34 13.86
N HIS A 45 9.49 1.97 12.95
CA HIS A 45 8.19 1.43 13.35
C HIS A 45 8.09 0.02 12.84
N TRP A 46 9.21 -0.70 12.93
CA TRP A 46 9.31 -2.04 12.41
C TRP A 46 10.02 -2.94 13.41
N TYR A 47 9.23 -3.79 14.07
CA TYR A 47 9.72 -4.63 15.18
C TYR A 47 9.45 -6.11 14.92
N PRO A 48 10.37 -6.81 14.26
CA PRO A 48 10.18 -8.24 13.98
C PRO A 48 9.86 -9.04 15.24
N GLU A 49 10.35 -8.55 16.37
CA GLU A 49 10.09 -9.19 17.66
C GLU A 49 8.60 -9.15 17.99
N LYS A 50 8.00 -7.97 17.88
CA LYS A 50 6.56 -7.78 18.09
C LYS A 50 5.96 -7.24 16.80
N PRO A 51 5.74 -8.14 15.82
CA PRO A 51 5.23 -7.85 14.49
C PRO A 51 3.99 -6.99 14.51
N TYR A 52 3.16 -7.21 15.52
CA TYR A 52 1.90 -6.50 15.63
C TYR A 52 2.07 -5.11 16.25
N LYS A 53 3.26 -4.81 16.74
CA LYS A 53 3.48 -3.48 17.30
C LYS A 53 3.52 -2.43 16.19
N GLY A 54 2.61 -1.47 16.26
CA GLY A 54 2.52 -0.41 15.26
C GLY A 54 1.82 -0.83 13.98
N SER A 55 1.14 -1.97 14.03
CA SER A 55 0.45 -2.54 12.88
C SER A 55 -0.61 -1.61 12.31
N GLY A 56 -1.24 -0.84 13.20
CA GLY A 56 -2.32 0.04 12.82
C GLY A 56 -1.80 1.33 12.26
N PHE A 57 -0.55 1.62 12.58
CA PHE A 57 0.12 2.77 12.03
C PHE A 57 0.51 2.44 10.60
N ARG A 58 1.09 1.27 10.41
CA ARG A 58 1.58 0.86 9.10
C ARG A 58 0.48 0.52 8.09
N CYS A 59 -0.76 0.52 8.53
CA CYS A 59 -1.84 0.02 7.66
C CYS A 59 -2.18 1.01 6.55
N ILE A 60 -2.29 0.52 5.33
CA ILE A 60 -2.67 1.39 4.22
C ILE A 60 -4.18 1.28 4.03
N HIS A 61 -4.88 2.38 4.31
CA HIS A 61 -6.34 2.35 4.25
C HIS A 61 -6.85 3.29 3.18
N ILE A 62 -7.73 2.78 2.32
CA ILE A 62 -8.36 3.60 1.29
C ILE A 62 -9.87 3.42 1.31
N GLY A 63 -10.53 4.07 2.26
CA GLY A 63 -11.98 3.96 2.40
C GLY A 63 -12.66 5.13 1.71
N GLU A 64 -13.34 5.96 2.50
CA GLU A 64 -13.87 7.21 1.96
C GLU A 64 -12.84 8.31 2.12
N LYS A 65 -11.83 8.03 2.95
CA LYS A 65 -10.64 8.86 3.01
C LYS A 65 -9.46 8.06 2.50
N VAL A 66 -8.47 8.76 1.95
CA VAL A 66 -7.30 8.08 1.42
C VAL A 66 -6.08 8.33 2.27
N ASP A 67 -5.36 7.26 2.59
CA ASP A 67 -4.09 7.37 3.27
C ASP A 67 -3.22 8.39 2.55
N PRO A 68 -2.62 9.32 3.32
CA PRO A 68 -1.68 10.31 2.81
C PRO A 68 -0.62 9.71 1.90
N VAL A 69 -0.04 8.57 2.26
CA VAL A 69 1.00 8.00 1.41
C VAL A 69 0.45 7.71 0.02
N ILE A 70 -0.82 7.32 -0.04
CA ILE A 70 -1.46 7.13 -1.33
C ILE A 70 -1.64 8.48 -2.01
N GLU A 71 -2.13 9.46 -1.26
CA GLU A 71 -2.41 10.77 -1.84
C GLU A 71 -1.12 11.42 -2.33
N GLN A 72 -0.05 11.20 -1.58
CA GLN A 72 1.25 11.78 -1.89
C GLN A 72 1.85 11.13 -3.12
N ALA A 73 1.81 9.81 -3.18
CA ALA A 73 2.27 9.11 -4.36
C ALA A 73 1.50 9.51 -5.60
N SER A 74 0.28 9.99 -5.43
CA SER A 74 -0.51 10.38 -6.58
C SER A 74 -0.01 11.73 -7.10
N LYS A 75 0.03 12.71 -6.20
CA LYS A 75 0.52 14.05 -6.52
C LYS A 75 1.92 14.00 -7.15
N GLU A 76 2.81 13.21 -6.57
CA GLU A 76 4.19 13.11 -7.07
C GLU A 76 4.30 12.32 -8.38
N SER A 77 3.19 11.75 -8.85
CA SER A 77 3.18 11.02 -10.11
C SER A 77 2.31 11.74 -11.16
N GLY A 78 1.79 12.90 -10.79
CA GLY A 78 0.89 13.64 -11.65
C GLY A 78 -0.51 13.06 -11.80
N LEU A 79 -0.84 12.05 -11.01
CA LEU A 79 -2.13 11.37 -11.13
C LEU A 79 -3.21 12.04 -10.28
N ASP A 80 -4.39 12.21 -10.86
CA ASP A 80 -5.56 12.67 -10.10
C ASP A 80 -5.92 11.59 -9.05
N ILE A 81 -5.86 11.94 -7.77
CA ILE A 81 -6.09 10.96 -6.71
C ILE A 81 -7.48 10.34 -6.81
N ASP A 82 -8.38 11.01 -7.53
CA ASP A 82 -9.71 10.48 -7.80
C ASP A 82 -9.67 9.38 -8.86
N ASP A 83 -8.78 9.50 -9.83
CA ASP A 83 -8.66 8.46 -10.84
C ASP A 83 -7.95 7.25 -10.25
N VAL A 84 -6.97 7.49 -9.38
CA VAL A 84 -6.32 6.42 -8.65
C VAL A 84 -7.26 5.70 -7.69
N ARG A 85 -7.96 6.47 -6.86
CA ARG A 85 -8.99 5.91 -6.00
C ARG A 85 -9.88 5.00 -6.82
N GLY A 86 -10.31 5.52 -7.97
CA GLY A 86 -11.31 4.88 -8.80
C GLY A 86 -10.92 3.51 -9.31
N ASN A 87 -9.64 3.28 -9.52
CA ASN A 87 -9.18 2.01 -10.06
C ASN A 87 -8.79 1.03 -8.97
N LEU A 88 -8.82 1.51 -7.73
CA LEU A 88 -8.49 0.68 -6.59
C LEU A 88 -9.75 0.19 -5.90
N PRO A 89 -9.75 -1.09 -5.51
CA PRO A 89 -10.96 -1.67 -4.90
C PRO A 89 -11.37 -0.84 -3.70
N GLN A 90 -12.66 -0.57 -3.57
CA GLN A 90 -13.13 0.32 -2.53
C GLN A 90 -12.96 -0.31 -1.13
N ASP A 91 -12.91 0.55 -0.12
CA ASP A 91 -12.67 0.13 1.26
C ASP A 91 -11.58 -0.95 1.36
N LEU A 92 -10.43 -0.63 0.79
CA LEU A 92 -9.27 -1.51 0.82
C LEU A 92 -8.41 -1.26 2.06
N SER A 93 -7.93 -2.33 2.68
CA SER A 93 -6.90 -2.20 3.71
C SER A 93 -5.75 -3.10 3.33
N VAL A 94 -4.53 -2.60 3.50
CA VAL A 94 -3.35 -3.43 3.38
C VAL A 94 -2.52 -3.27 4.63
N TRP A 95 -2.27 -4.37 5.34
CA TRP A 95 -1.46 -4.35 6.54
C TRP A 95 -0.11 -4.88 6.10
N ILE A 96 0.96 -4.20 6.49
CA ILE A 96 2.29 -4.70 6.21
C ILE A 96 3.01 -4.90 7.54
N ASP A 97 3.08 -6.15 7.96
CA ASP A 97 3.70 -6.53 9.21
C ASP A 97 4.92 -7.39 8.91
N PRO A 98 5.89 -7.44 9.83
CA PRO A 98 6.95 -8.44 9.71
C PRO A 98 6.37 -9.83 9.46
N PHE A 99 6.79 -10.50 8.39
CA PHE A 99 6.43 -11.88 8.07
C PHE A 99 5.07 -12.04 7.42
N GLU A 100 4.31 -10.94 7.29
CA GLU A 100 3.02 -11.09 6.66
C GLU A 100 2.52 -9.83 6.00
N VAL A 101 2.01 -10.01 4.78
CA VAL A 101 1.30 -8.95 4.11
C VAL A 101 -0.08 -9.45 3.78
N SER A 102 -1.09 -8.65 4.10
CA SER A 102 -2.47 -9.09 3.93
C SER A 102 -3.37 -7.91 3.62
N TYR A 103 -4.58 -8.19 3.16
CA TYR A 103 -5.46 -7.11 2.74
C TYR A 103 -6.91 -7.50 2.81
N GLN A 104 -7.76 -6.50 3.01
CA GLN A 104 -9.20 -6.72 2.98
C GLN A 104 -9.88 -5.80 1.96
N ILE A 105 -10.91 -6.30 1.31
CA ILE A 105 -11.75 -5.49 0.44
C ILE A 105 -13.19 -5.51 0.91
N GLY A 106 -13.71 -4.33 1.24
CA GLY A 106 -15.06 -4.23 1.74
C GLY A 106 -15.08 -4.38 3.24
N GLU A 107 -15.96 -3.64 3.91
CA GLU A 107 -16.01 -3.61 5.37
C GLU A 107 -16.20 -4.98 6.01
N LYS A 108 -16.84 -5.88 5.28
CA LYS A 108 -17.12 -7.20 5.81
C LYS A 108 -16.44 -8.26 4.94
N GLY A 109 -15.35 -7.86 4.30
CA GLY A 109 -14.56 -8.76 3.50
C GLY A 109 -13.62 -9.56 4.38
N PRO A 110 -13.24 -10.77 3.93
CA PRO A 110 -12.24 -11.52 4.67
C PRO A 110 -10.87 -10.93 4.41
N VAL A 111 -10.01 -11.03 5.39
CA VAL A 111 -8.62 -10.74 5.19
C VAL A 111 -8.06 -11.80 4.27
N LYS A 112 -7.30 -11.37 3.26
CA LYS A 112 -6.54 -12.25 2.38
C LYS A 112 -5.03 -12.02 2.52
N VAL A 113 -4.24 -13.09 2.37
CA VAL A 113 -2.79 -13.03 2.56
C VAL A 113 -2.03 -13.03 1.23
N LEU A 114 -1.12 -12.07 1.04
CA LEU A 114 -0.29 -12.03 -0.16
C LEU A 114 1.04 -12.73 0.09
N TYR A 115 1.58 -12.48 1.28
CA TYR A 115 2.89 -12.98 1.64
C TYR A 115 2.91 -13.37 3.10
N VAL A 116 3.39 -14.57 3.40
CA VAL A 116 3.72 -14.93 4.78
C VAL A 116 4.96 -15.82 4.90
N ASP A 117 5.81 -15.53 5.89
CA ASP A 117 6.91 -16.42 6.24
C ASP A 117 7.05 -16.59 7.75
#